data_9KTJ
#
_entry.id   9KTJ
#
loop_
_entity.id
_entity.type
_entity.pdbx_description
1 polymer 'DNA (34-MER)'
2 non-polymer "ADENOSINE-5'-TRIPHOSPHATE"
#
_entity_poly.entity_id   1
_entity_poly.type   'polydeoxyribonucleotide'
_entity_poly.pdbx_seq_one_letter_code
;(DC)(DG)(DA)(DC)(DG)(DT)(DT)(DT)(DG)(DC)(DG)(DA)(DT)(DG)(DA)(DG)(DA)(DA)(DC)(DG)
(DA)(DA)(DG)(DT)(DT)(DC)(DG)(DA)(DA)(DG)(DG)(DT)(DC)(DG)
;
_entity_poly.pdbx_strand_id   A
#
loop_
_chem_comp.id
_chem_comp.type
_chem_comp.name
_chem_comp.formula
ATP non-polymer ADENOSINE-5'-TRIPHOSPHATE 'C10 H16 N5 O13 P3'
DA DNA linking 2'-DEOXYADENOSINE-5'-MONOPHOSPHATE 'C10 H14 N5 O6 P'
DC DNA linking 2'-DEOXYCYTIDINE-5'-MONOPHOSPHATE 'C9 H14 N3 O7 P'
DG DNA linking 2'-DEOXYGUANOSINE-5'-MONOPHOSPHATE 'C10 H14 N5 O7 P'
DT DNA linking THYMIDINE-5'-MONOPHOSPHATE 'C10 H15 N2 O8 P'
#
# COMPACT_ATOMS: atom_id res chain seq x y z
PG ATP B . 3.98 0.34 5.02
O1G ATP B . 3.05 1.04 5.95
O2G ATP B . 4.61 -0.80 5.73
O3G ATP B . 4.96 1.32 4.49
PB ATP B . 2.49 -1.62 3.84
O1B ATP B . 3.52 -2.67 3.59
O2B ATP B . 1.75 -1.81 5.12
O3B ATP B . 3.16 -0.18 3.77
PA ATP B . 0.57 -2.62 2.14
O1A ATP B . 1.15 -3.96 2.37
O2A ATP B . -0.81 -2.48 2.71
O3A ATP B . 1.51 -1.42 2.61
O5' ATP B . 0.59 -2.28 0.56
C5' ATP B . -0.57 -2.01 -0.24
C4' ATP B . -1.33 -0.74 0.19
O4' ATP B . -0.70 0.45 -0.31
C3' ATP B . -2.73 -0.66 -0.43
O3' ATP B . -3.71 -1.42 0.31
C2' ATP B . -3.05 0.84 -0.45
O2' ATP B . -3.65 1.28 0.78
C1' ATP B . -1.66 1.49 -0.60
N9 ATP B . -1.38 2.04 -1.95
C8 ATP B . -1.49 3.37 -2.34
N7 ATP B . -1.08 3.55 -3.60
C5 ATP B . -0.68 2.27 -3.98
C6 ATP B . -0.14 1.85 -5.20
N6 ATP B . 0.10 2.72 -6.26
N1 ATP B . 0.15 0.56 -5.42
C2 ATP B . -0.09 -0.29 -4.40
N3 ATP B . -0.59 0.02 -3.20
C4 ATP B . -0.88 1.32 -3.00
H5'1 ATP B . -0.27 -1.91 -1.30
H5'2 ATP B . -1.25 -2.87 -0.18
H4' ATP B . -1.41 -0.65 1.28
H3' ATP B . -2.68 -1.01 -1.46
HO3' ATP B . -4.56 -1.33 -0.16
H2' ATP B . -3.69 1.09 -1.30
HO2' ATP B . -4.60 1.46 0.60
H1' ATP B . -1.56 2.31 0.11
H8 ATP B . -1.85 4.14 -1.67
HN61 ATP B . 0.29 2.32 -7.16
HN62 ATP B . -0.28 3.65 -6.18
H2 ATP B . 0.15 -1.35 -4.58
PG ATP B . 4.91 -0.48 5.32
O1G ATP B . 4.17 -0.36 6.59
O2G ATP B . 5.62 -1.78 5.29
O3G ATP B . 5.89 0.62 5.16
PB ATP B . 2.49 -1.12 4.18
O1B ATP B . 2.57 -2.40 4.94
O2B ATP B . 1.43 -0.20 4.66
O3B ATP B . 3.90 -0.37 4.11
PA ATP B . 1.10 -2.29 2.14
O1A ATP B . 1.42 -3.75 2.20
O2A ATP B . -0.16 -1.92 2.85
O3A ATP B . 2.33 -1.40 2.62
O5' ATP B . 1.09 -1.79 0.61
C5' ATP B . -0.08 -1.81 -0.23
C4' ATP B . -1.03 -0.64 0.10
O4' ATP B . -0.43 0.62 -0.27
C3' ATP B . -2.33 -0.64 -0.73
O3' ATP B . -3.34 -1.46 -0.15
C2' ATP B . -2.76 0.83 -0.73
O2' ATP B . -3.51 1.13 0.47
C1' ATP B . -1.41 1.59 -0.69
N9 ATP B . -1.00 2.17 -1.98
C8 ATP B . -1.06 3.51 -2.35
N7 ATP B . -0.59 3.71 -3.59
C5 ATP B . -0.21 2.43 -3.98
C6 ATP B . 0.38 2.03 -5.20
N6 ATP B . 0.64 2.92 -6.24
N1 ATP B . 0.68 0.75 -5.43
C2 ATP B . 0.40 -0.12 -4.43
N3 ATP B . -0.16 0.17 -3.23
C4 ATP B . -0.45 1.47 -3.03
H5'1 ATP B . 0.22 -1.74 -1.29
H5'2 ATP B . -0.62 -2.75 -0.10
H4' ATP B . -1.30 -0.62 1.16
H3' ATP B . -2.11 -0.95 -1.75
HO3' ATP B . -3.84 -0.87 0.43
H2' ATP B . -3.33 1.08 -1.63
HO2' ATP B . -4.42 1.40 0.20
H1' ATP B . -1.48 2.41 0.04
H8 ATP B . -1.42 4.27 -1.68
HN61 ATP B . 0.86 2.54 -7.13
HN62 ATP B . 0.26 3.86 -6.15
H2 ATP B . 0.64 -1.17 -4.61
PG ATP B . 4.47 -2.04 5.65
O1G ATP B . 3.84 -2.15 6.99
O2G ATP B . 5.09 -3.32 5.20
O3G ATP B . 5.52 -1.00 5.74
PB ATP B . 1.89 -2.13 4.75
O1B ATP B . 1.92 -3.61 5.02
O2B ATP B . 1.18 -1.43 5.84
O3B ATP B . 3.38 -1.58 4.59
PA ATP B . 1.38 -2.90 2.18
O1A ATP B . 2.68 -3.64 2.20
O2A ATP B . 0.20 -3.80 2.29
O3A ATP B . 1.34 -1.76 3.30
O5' ATP B . 1.30 -1.97 0.86
C5' ATP B . 0.13 -1.91 0.03
C4' ATP B . -0.87 -0.83 0.52
O4' ATP B . -0.38 0.47 0.14
C3' ATP B . -2.24 -0.93 -0.18
O3' ATP B . -3.15 -1.74 0.55
C2' ATP B . -2.75 0.52 -0.27
O2' ATP B . -3.54 0.86 0.89
C1' ATP B . -1.45 1.35 -0.28
N9 ATP B . -1.11 1.93 -1.60
C8 ATP B . -1.11 3.28 -1.95
N7 ATP B . -0.72 3.46 -3.21
C5 ATP B . -0.45 2.16 -3.65
C6 ATP B . 0.00 1.74 -4.91
N6 ATP B . 0.26 2.63 -5.94
N1 ATP B . 0.20 0.44 -5.17
C2 ATP B . -0.05 -0.41 -4.16
N3 ATP B . -0.49 -0.10 -2.91
C4 ATP B . -0.68 1.22 -2.68
H5'1 ATP B . 0.43 -1.68 -1.00
H5'2 ATP B . -0.37 -2.87 0.00
H4' ATP B . -1.00 -0.89 1.61
H3' ATP B . -2.10 -1.32 -1.19
HO3' ATP B . -3.63 -1.12 1.13
H2' ATP B . -3.32 0.67 -1.19
HO2' ATP B . -4.44 1.13 0.58
H1' ATP B . -1.55 2.18 0.42
H8 ATP B . -1.38 4.05 -1.26
HN61 ATP B . 0.34 2.24 -6.87
HN62 ATP B . -0.07 3.57 -5.81
H2 ATP B . 0.11 -1.47 -4.36
PG ATP B . 5.25 -0.69 5.63
O1G ATP B . 4.65 -0.18 6.88
O2G ATP B . 6.02 -1.94 5.87
O3G ATP B . 6.18 0.33 5.10
PB ATP B . 2.88 -1.90 4.85
O1B ATP B . 3.32 -3.22 5.38
O2B ATP B . 1.88 -1.25 5.75
O3B ATP B . 4.12 -0.94 4.55
PA ATP B . 0.93 -1.42 2.98
O1A ATP B . -0.14 -2.23 3.59
O2A ATP B . 0.81 0.02 3.37
O3A ATP B . 2.36 -2.03 3.35
O5' ATP B . 1.00 -1.61 1.38
C5' ATP B . -0.16 -1.67 0.54
C4' ATP B . -1.05 -0.42 0.73
O4' ATP B . -0.36 0.76 0.25
C3' ATP B . -2.32 -0.42 -0.14
O3' ATP B . -3.39 -1.19 0.42
C2' ATP B . -2.66 1.08 -0.23
O2' ATP B . -3.36 1.55 0.92
C1' ATP B . -1.27 1.75 -0.27
N9 ATP B . -0.84 2.18 -1.62
C8 ATP B . -0.92 3.47 -2.13
N7 ATP B . -0.37 3.55 -3.35
C5 ATP B . 0.05 2.24 -3.59
C6 ATP B . 0.70 1.72 -4.72
N6 ATP B . 1.03 2.50 -5.82
N1 ATP B . 1.03 0.43 -4.80
C2 ATP B . 0.70 -0.34 -3.74
N3 ATP B . 0.08 0.07 -2.61
C4 ATP B . -0.23 1.39 -2.55
H5'1 ATP B . 0.14 -1.75 -0.50
H5'2 ATP B . -0.76 -2.56 0.79
H4' ATP B . -1.35 -0.28 1.77
H3' ATP B . -2.07 -0.78 -1.14
HO3' ATP B . -4.22 -0.90 0.01
H2' ATP B . -3.21 1.29 -1.14
HO2' ATP B . -4.32 1.41 0.79
H1' ATP B . -1.28 2.64 0.37
H8 ATP B . -1.38 4.29 -1.59
HN61 ATP B . 0.69 3.46 -5.85
HN62 ATP B . 1.41 2.06 -6.64
H2 ATP B . 0.95 -1.39 -3.80
PG ATP B . 2.91 0.42 5.53
O1G ATP B . 2.03 1.51 6.03
O2G ATP B . 3.44 -0.40 6.64
O3G ATP B . 4.00 1.01 4.72
PB ATP B . 1.27 -1.74 5.07
O1B ATP B . 2.16 -2.89 5.39
O2B ATP B . 0.43 -1.34 6.24
O3B ATP B . 2.09 -0.50 4.53
PA ATP B . 1.08 -2.69 2.53
O1A ATP B . 2.36 -2.03 2.13
O2A ATP B . 1.23 -4.16 2.75
O3A ATP B . 0.38 -2.00 3.78
O5' ATP B . -0.07 -2.44 1.43
C5' ATP B . -0.11 -1.27 0.59
C4' ATP B . -0.76 -0.07 1.35
O4' ATP B . -0.50 1.13 0.57
C3' ATP B . -2.30 -0.17 1.37
O3' ATP B . -2.81 0.58 2.47
C2' ATP B . -2.71 0.48 0.05
O2' ATP B . -4.06 0.98 0.12
C1' ATP B . -1.68 1.62 -0.10
N9 ATP B . -1.34 2.02 -1.48
C8 ATP B . -1.46 3.30 -2.03
N7 ATP B . -0.89 3.36 -3.23
C5 ATP B . -0.44 2.06 -3.45
C6 ATP B . 0.19 1.53 -4.58
N6 ATP B . 0.49 2.27 -5.70
N1 ATP B . 0.51 0.22 -4.64
C2 ATP B . 0.19 -0.52 -3.57
N3 ATP B . -0.42 -0.09 -2.43
C4 ATP B . -0.72 1.23 -2.40
H5'1 ATP B . 0.91 -0.98 0.28
H5'2 ATP B . -0.68 -1.49 -0.31
H4' ATP B . -0.34 0.02 2.36
H3' ATP B . -2.63 -1.22 1.42
HO3' ATP B . -3.64 0.99 2.12
H2' ATP B . -2.60 -0.24 -0.77
HO2' ATP B . -4.34 1.27 -0.77
H1' ATP B . -2.05 2.50 0.43
H8 ATP B . -1.97 4.12 -1.52
HN61 ATP B . 0.81 1.79 -6.53
HN62 ATP B . 0.12 3.22 -5.75
H2 ATP B . 0.43 -1.58 -3.60
PG ATP B . 4.11 0.71 4.79
O1G ATP B . 3.11 1.51 5.54
O2G ATP B . 4.90 -0.20 5.68
O3G ATP B . 5.05 1.63 4.12
PB ATP B . 2.58 -1.48 4.16
O1B ATP B . 3.47 -2.66 4.00
O2B ATP B . 2.07 -1.37 5.55
O3B ATP B . 3.34 -0.15 3.70
PA ATP B . 1.10 -2.68 2.21
O1A ATP B . 2.25 -2.99 1.31
O2A ATP B . 0.73 -3.84 3.05
O3A ATP B . 1.38 -1.40 3.11
O5' ATP B . -0.17 -2.12 1.38
C5' ATP B . -0.03 -1.06 0.42
C4' ATP B . -0.60 0.24 1.05
O4' ATP B . -0.33 1.34 0.14
C3' ATP B . -2.14 0.21 1.14
O3' ATP B . -2.58 1.08 2.18
C2' ATP B . -2.60 0.78 -0.22
O2' ATP B . -3.92 1.33 -0.10
C1' ATP B . -1.52 1.85 -0.48
N9 ATP B . -1.26 2.19 -1.89
C8 ATP B . -1.37 3.44 -2.48
N7 ATP B . -0.88 3.44 -3.73
C5 ATP B . -0.44 2.14 -3.90
C6 ATP B . 0.17 1.55 -5.01
N6 ATP B . 0.43 2.25 -6.19
N1 ATP B . 0.52 0.25 -5.02
C2 ATP B . 0.27 -0.43 -3.87
N3 ATP B . -0.31 0.05 -2.75
C4 ATP B . -0.65 1.35 -2.79
H5'1 ATP B . 1.02 -0.88 0.17
H5'2 ATP B . -0.57 -1.31 -0.49
H4' ATP B . -0.15 0.42 2.03
H3' ATP B . -2.53 -0.81 1.29
HO3' ATP B . -3.40 1.51 1.84
H2' ATP B . -2.54 0.00 -0.98
HO2' ATP B . -4.20 1.68 -0.99
H1' ATP B . -1.84 2.78 0.02
H8 ATP B . -1.78 4.29 -1.96
HN61 ATP B . 0.71 1.72 -7.00
HN62 ATP B . 0.04 3.18 -6.26
H2 ATP B . 0.54 -1.49 -3.86
PG ATP B . 5.06 -0.74 5.49
O1G ATP B . 4.21 -0.06 6.48
O2G ATP B . 5.68 -1.94 6.09
O3G ATP B . 6.08 0.18 4.90
PB ATP B . 3.37 -2.57 4.32
O1B ATP B . 4.21 -3.64 3.70
O2B ATP B . 2.92 -2.89 5.71
O3B ATP B . 4.14 -1.18 4.26
PA ATP B . 1.32 -3.27 2.67
O1A ATP B . 2.11 -3.87 1.55
O2A ATP B . 0.81 -4.27 3.62
O3A ATP B . 2.14 -2.12 3.40
O5' ATP B . 0.12 -2.34 2.10
C5' ATP B . 0.38 -1.43 1.04
C4' ATP B . -0.73 -0.36 1.03
O4' ATP B . -0.28 0.77 0.27
C3' ATP B . -2.03 -0.75 0.30
O3' ATP B . -2.92 -1.50 1.12
C2' ATP B . -2.64 0.60 -0.08
O2' ATP B . -3.46 1.09 1.00
C1' ATP B . -1.39 1.53 -0.22
N9 ATP B . -1.09 1.97 -1.59
C8 ATP B . -1.06 3.27 -2.07
N7 ATP B . -0.68 3.32 -3.36
C5 ATP B . -0.48 1.98 -3.67
C6 ATP B . -0.10 1.40 -4.89
N6 ATP B . 0.10 2.16 -6.03
N1 ATP B . 0.04 0.08 -5.02
C2 ATP B . -0.20 -0.65 -3.91
N3 ATP B . -0.57 -0.20 -2.71
C4 ATP B . -0.71 1.14 -2.60
H5'1 ATP B . 1.35 -0.93 1.18
H5'2 ATP B . 0.41 -1.95 0.07
H4' ATP B . -0.95 -0.06 2.06
H3' ATP B . -1.77 -1.31 -0.61
HO3' ATP B . -3.40 -0.83 1.64
H2' ATP B . -3.19 0.54 -1.02
HO2' ATP B . -4.40 1.06 0.70
H1' ATP B . -1.53 2.43 0.39
H8 ATP B . -1.33 4.12 -1.46
HN61 ATP B . 0.10 1.69 -6.92
HN62 ATP B . -0.18 3.14 -5.98
H2 ATP B . -0.08 -1.74 -4.01
PG ATP B . 2.92 -1.06 6.62
O1G ATP B . 2.10 -0.88 7.84
O2G ATP B . 3.74 -2.29 6.78
O3G ATP B . 3.83 0.05 6.27
PB ATP B . 1.89 -2.67 4.60
O1B ATP B . 3.17 -2.85 3.85
O2B ATP B . 1.54 -3.77 5.53
O3B ATP B . 1.93 -1.29 5.39
PA ATP B . 0.06 -3.44 2.72
O1A ATP B . 1.06 -4.11 1.85
O2A ATP B . -0.76 -4.41 3.51
O3A ATP B . 0.68 -2.29 3.63
O5' ATP B . -0.91 -2.50 1.83
C5' ATP B . -0.34 -1.59 0.87
C4' ATP B . -1.20 -0.32 0.84
O4' ATP B . -0.52 0.70 0.09
C3' ATP B . -2.54 -0.43 0.09
O3' ATP B . -3.59 -1.03 0.84
C2' ATP B . -2.84 1.04 -0.29
O2' ATP B . -3.55 1.72 0.76
C1' ATP B . -1.44 1.69 -0.40
N9 ATP B . -1.05 2.10 -1.76
C8 ATP B . -0.98 3.41 -2.23
N7 ATP B . -0.50 3.45 -3.48
C5 ATP B . -0.31 2.10 -3.79
C6 ATP B . 0.17 1.54 -4.98
N6 ATP B . 0.52 2.31 -6.08
N1 ATP B . 0.29 0.21 -5.13
C2 ATP B . -0.07 -0.53 -4.05
N3 ATP B . -0.53 -0.08 -2.87
C4 ATP B . -0.64 1.26 -2.76
H5'1 ATP B . 0.68 -1.31 1.15
H5'2 ATP B . -0.32 -2.05 -0.13
H4' ATP B . -1.39 0.04 1.87
H3' ATP B . -2.36 -0.98 -0.84
HO3' ATP B . -4.41 -0.97 0.33
H2' ATP B . -3.38 1.10 -1.24
HO2' ATP B . -4.52 1.56 0.62
H1' ATP B . -1.41 2.59 0.24
H8 ATP B . -1.26 4.26 -1.62
HN61 ATP B . 0.69 1.84 -6.95
HN62 ATP B . 0.28 3.29 -6.06
H2 ATP B . 0.01 -1.61 -4.19
PG ATP B . 4.19 -0.99 5.56
O1G ATP B . 3.80 0.14 6.43
O2G ATP B . 4.65 -2.17 6.34
O3G ATP B . 5.28 -0.54 4.66
PB ATP B . 2.79 -2.89 4.09
O1B ATP B . 4.09 -3.39 3.56
O2B ATP B . 2.20 -3.76 5.14
O3B ATP B . 2.94 -1.40 4.67
PA ATP B . 1.40 -3.66 1.87
O1A ATP B . 2.51 -3.98 0.92
O2A ATP B . 0.84 -4.88 2.54
O3A ATP B . 1.77 -2.53 2.92
O5' ATP B . 0.20 -2.87 1.12
C5' ATP B . 0.43 -1.72 0.28
C4' ATP B . -0.28 -0.49 0.88
O4' ATP B . -0.03 0.62 -0.02
C3' ATP B . -1.83 -0.59 0.91
O3' ATP B . -2.36 0.19 2.00
C2' ATP B . -2.27 0.06 -0.41
O2' ATP B . -3.62 0.55 -0.31
C1' ATP B . -1.23 1.17 -0.60
N9 ATP B . -0.98 1.59 -1.99
C8 ATP B . -1.06 2.87 -2.52
N7 ATP B . -0.66 2.91 -3.80
C5 ATP B . -0.32 1.57 -4.05
C6 ATP B . 0.14 0.99 -5.24
N6 ATP B . 0.34 1.73 -6.40
N1 ATP B . 0.35 -0.33 -5.34
C2 ATP B . 0.13 -1.05 -4.21
N3 ATP B . -0.29 -0.58 -3.03
C4 ATP B . -0.51 0.75 -2.97
H5'1 ATP B . 1.50 -1.51 0.20
H5'2 ATP B . 0.04 -1.92 -0.73
H4' ATP B . 0.10 -0.28 1.88
H3' ATP B . -2.17 -1.63 0.98
HO3' ATP B . -3.19 0.56 1.64
H2' ATP B . -2.20 -0.69 -1.21
HO2' ATP B . -3.92 0.81 -1.21
H1' ATP B . -1.55 2.06 -0.02
H8 ATP B . -1.42 3.72 -1.95
HN61 ATP B . 0.03 2.69 -6.39
HN62 ATP B . 0.43 1.23 -7.27
H2 ATP B . 0.30 -2.12 -4.28
PG ATP B . 4.46 -0.31 4.98
O1G ATP B . 3.31 0.50 5.44
O2G ATP B . 5.00 -1.18 6.05
O3G ATP B . 5.49 0.63 4.45
PB ATP B . 3.39 -2.65 4.00
O1B ATP B . 4.46 -3.67 4.16
O2B ATP B . 2.47 -2.64 5.17
O3B ATP B . 4.01 -1.20 3.73
PA ATP B . 1.21 -2.08 2.40
O1A ATP B . 0.12 -3.10 2.36
O2A ATP B . 0.94 -0.98 3.36
O3A ATP B . 2.62 -2.80 2.61
O5' ATP B . 1.49 -1.49 0.92
C5' ATP B . 0.50 -1.56 -0.11
C4' ATP B . -0.74 -0.70 0.27
O4' ATP B . -0.47 0.66 -0.08
C3' ATP B . -2.03 -1.05 -0.49
O3' ATP B . -2.84 -1.97 0.25
C2' ATP B . -2.75 0.29 -0.62
O2' ATP B . -3.60 0.48 0.53
C1' ATP B . -1.62 1.34 -0.63
N9 ATP B . -1.24 1.86 -1.96
C8 ATP B . -1.26 3.19 -2.36
N7 ATP B . -0.84 3.33 -3.62
C5 ATP B . -0.50 2.03 -3.99
C6 ATP B . 0.03 1.56 -5.20
N6 ATP B . 0.32 2.39 -6.27
N1 ATP B . 0.33 0.27 -5.37
C2 ATP B . 0.08 -0.55 -4.32
N3 ATP B . -0.44 -0.18 -3.13
C4 ATP B . -0.72 1.12 -2.99
H5'1 ATP B . 0.91 -1.21 -1.06
H5'2 ATP B . 0.18 -2.60 -0.26
H4' ATP B . -0.96 -0.76 1.34
H3' ATP B . -1.80 -1.46 -1.48
HO3' ATP B . -3.51 -1.38 0.65
H2' ATP B . -3.34 0.33 -1.55
HO2' ATP B . -4.33 1.11 0.28
H1' ATP B . -1.89 2.19 -0.01
H8 ATP B . -1.57 4.00 -1.71
HN61 ATP B . 0.78 2.00 -7.08
HN62 ATP B . 0.23 3.40 -6.14
H2 ATP B . 0.30 -1.61 -4.46
#